data_1CSH
#
_entry.id   1CSH
#
_cell.length_a   104.400
_cell.length_b   78.500
_cell.length_c   58.500
_cell.angle_alpha   90.00
_cell.angle_beta   78.90
_cell.angle_gamma   90.00
#
_symmetry.space_group_name_H-M   'C 1 2 1'
#
loop_
_entity.id
_entity.type
_entity.pdbx_description
1 polymer 'CITRATE SYNTHASE'
2 non-polymer 'OXALOACETATE ION'
3 non-polymer 'AMIDOCARBOXYMETHYLDETHIA COENZYME *A'
4 water water
#
_entity_poly.entity_id   1
_entity_poly.type   'polypeptide(L)'
_entity_poly.pdbx_seq_one_letter_code
;STNLKDVLASLIPKEQARIKTFRQQHGNTAVGQITVDMSYGGMRGMKGLIYETSVLDPDEGIRFRGFSIPECQKLLPKAG
GGEEPLPEGLFWLLVTGQIPTPEQVSWVSKEWAKRAALPSHVVTMLDNFPTNLHPMSQLSAAITALNSESNFARAYAEGI
NRTKYWEFVYEDAMDLIAKLPCVAAKIYRNLYRAGSSIGAIDSKLDWSHNFTNMLGYTDPQFTELMRLYLTIHSDHEGGN
VSAHTSHLVGSALSDPYLSFAAAMNGLAGPLHGLANQEVLLWLSQLQKDLGADASDEKLRDYIWNTLNSGRVVPGYGHAV
LRKTDPRYTCQREFALKHLPSDPMFKLVAQLYKIVPNVLLEQGKAKNPWPNVDAHSGVLLQYYGMTEMNYYTVLFGVSRA
LGVLAQLIWSRALGFPLERPKSMSTAGLEKLSAGG
;
_entity_poly.pdbx_strand_id   A
#
loop_
_chem_comp.id
_chem_comp.type
_chem_comp.name
_chem_comp.formula
AMX non-polymer 'AMIDOCARBOXYMETHYLDETHIA COENZYME *A' 'C23 H39 N8 O17 P3'
OAA non-polymer 'OXALOACETATE ION' 'C4 H3 O5 -1'
#
# COMPACT_ATOMS: atom_id res chain seq x y z
N SER A 1 -15.23 -18.90 18.50
CA SER A 1 -15.79 -19.58 17.33
C SER A 1 -14.98 -19.28 16.10
N THR A 2 -14.85 -17.99 15.75
CA THR A 2 -13.99 -17.65 14.64
C THR A 2 -12.65 -17.38 15.26
N ASN A 3 -11.58 -17.83 14.59
CA ASN A 3 -10.24 -17.59 15.10
C ASN A 3 -9.31 -17.79 13.94
N LEU A 4 -8.85 -16.69 13.33
CA LEU A 4 -7.94 -16.77 12.19
C LEU A 4 -6.67 -17.53 12.53
N LYS A 5 -6.24 -17.35 13.77
CA LYS A 5 -5.02 -18.04 14.13
C LYS A 5 -5.16 -19.57 14.01
N ASP A 6 -6.36 -20.13 14.35
CA ASP A 6 -6.61 -21.59 14.26
C ASP A 6 -6.74 -22.05 12.83
N VAL A 7 -7.22 -21.15 11.99
CA VAL A 7 -7.36 -21.49 10.56
C VAL A 7 -5.98 -21.56 9.94
N LEU A 8 -5.13 -20.58 10.27
CA LEU A 8 -3.76 -20.61 9.73
C LEU A 8 -2.99 -21.86 10.19
N ALA A 9 -3.23 -22.29 11.46
CA ALA A 9 -2.58 -23.48 12.02
C ALA A 9 -2.85 -24.72 11.16
N SER A 10 -3.98 -24.76 10.50
CA SER A 10 -4.27 -25.90 9.66
C SER A 10 -3.69 -25.79 8.27
N LEU A 11 -3.75 -24.57 7.73
CA LEU A 11 -3.33 -24.22 6.38
C LEU A 11 -1.80 -24.36 6.20
N ILE A 12 -1.04 -23.88 7.18
CA ILE A 12 0.42 -23.89 7.16
C ILE A 12 1.14 -25.17 6.77
N PRO A 13 0.91 -26.22 7.53
CA PRO A 13 1.56 -27.47 7.22
C PRO A 13 1.23 -28.00 5.86
N LYS A 14 0.05 -27.69 5.35
CA LYS A 14 -0.27 -28.23 4.03
C LYS A 14 0.51 -27.48 2.94
N GLU A 15 0.63 -26.16 3.08
CA GLU A 15 1.38 -25.37 2.10
C GLU A 15 2.83 -25.75 2.18
N GLN A 16 3.32 -25.95 3.41
CA GLN A 16 4.68 -26.35 3.60
C GLN A 16 5.07 -27.57 2.78
N ALA A 17 4.20 -28.56 2.77
CA ALA A 17 4.46 -29.81 2.05
C ALA A 17 4.41 -29.67 0.55
N ARG A 18 3.44 -28.89 0.11
CA ARG A 18 3.22 -28.61 -1.29
C ARG A 18 4.42 -27.96 -1.91
N ILE A 19 4.98 -27.01 -1.18
CA ILE A 19 6.14 -26.31 -1.66
C ILE A 19 7.36 -27.18 -1.62
N LYS A 20 7.38 -28.05 -0.61
CA LYS A 20 8.51 -28.98 -0.45
C LYS A 20 8.65 -29.91 -1.66
N THR A 21 7.56 -30.55 -1.97
CA THR A 21 7.54 -31.42 -3.09
C THR A 21 7.82 -30.74 -4.42
N PHE A 22 7.19 -29.61 -4.65
CA PHE A 22 7.39 -28.90 -5.89
C PHE A 22 8.85 -28.54 -6.06
N ARG A 23 9.46 -28.18 -4.99
CA ARG A 23 10.84 -27.82 -5.07
C ARG A 23 11.72 -29.02 -5.29
N GLN A 24 11.21 -30.17 -4.88
CA GLN A 24 11.94 -31.40 -5.01
C GLN A 24 12.04 -31.71 -6.49
N GLN A 25 10.93 -31.53 -7.14
CA GLN A 25 10.86 -31.77 -8.54
C GLN A 25 11.37 -30.65 -9.46
N HIS A 26 11.19 -29.37 -9.08
CA HIS A 26 11.58 -28.29 -9.95
C HIS A 26 12.52 -27.23 -9.44
N GLY A 27 13.14 -27.50 -8.31
CA GLY A 27 14.01 -26.49 -7.77
C GLY A 27 15.10 -25.95 -8.71
N ASN A 28 15.50 -26.80 -9.58
CA ASN A 28 16.58 -26.44 -10.46
C ASN A 28 16.09 -26.04 -11.82
N THR A 29 14.78 -25.94 -11.95
CA THR A 29 14.27 -25.53 -13.22
C THR A 29 14.51 -24.04 -13.40
N ALA A 30 14.89 -23.63 -14.61
CA ALA A 30 15.15 -22.22 -14.88
C ALA A 30 13.90 -21.50 -15.33
N VAL A 31 13.64 -20.39 -14.66
CA VAL A 31 12.46 -19.60 -14.93
C VAL A 31 12.74 -18.34 -15.70
N GLY A 32 14.02 -18.01 -15.86
CA GLY A 32 14.42 -16.81 -16.57
C GLY A 32 15.91 -16.65 -16.61
N GLN A 33 16.33 -15.56 -17.23
CA GLN A 33 17.74 -15.22 -17.36
C GLN A 33 18.00 -13.80 -16.94
N ILE A 34 19.24 -13.52 -16.53
CA ILE A 34 19.57 -12.18 -16.11
C ILE A 34 20.53 -11.54 -17.13
N THR A 35 20.20 -10.35 -17.62
CA THR A 35 21.07 -9.66 -18.57
C THR A 35 21.70 -8.44 -17.93
N VAL A 36 22.66 -7.88 -18.63
CA VAL A 36 23.33 -6.70 -18.14
C VAL A 36 22.33 -5.56 -17.89
N ASP A 37 21.45 -5.37 -18.86
CA ASP A 37 20.47 -4.35 -18.77
C ASP A 37 19.53 -4.49 -17.60
N MET A 38 19.23 -5.73 -17.23
CA MET A 38 18.36 -5.90 -16.06
C MET A 38 19.05 -5.49 -14.77
N SER A 39 20.35 -5.74 -14.68
CA SER A 39 21.08 -5.40 -13.45
C SER A 39 21.22 -3.89 -13.30
N TYR A 40 21.36 -3.26 -14.45
CA TYR A 40 21.55 -1.82 -14.45
C TYR A 40 20.24 -1.11 -14.29
N GLY A 41 19.20 -1.79 -14.75
CA GLY A 41 17.80 -1.29 -14.73
C GLY A 41 16.86 -1.57 -13.54
N GLY A 42 17.39 -1.64 -12.32
CA GLY A 42 16.52 -1.87 -11.16
C GLY A 42 15.75 -3.19 -11.21
N MET A 43 16.39 -4.24 -11.74
CA MET A 43 15.88 -5.59 -11.92
C MET A 43 14.63 -5.64 -12.75
N ARG A 44 14.49 -4.66 -13.63
CA ARG A 44 13.28 -4.65 -14.39
C ARG A 44 13.11 -5.92 -15.21
N GLY A 45 11.96 -6.56 -14.98
CA GLY A 45 11.68 -7.79 -15.70
C GLY A 45 12.36 -9.04 -15.08
N MET A 46 12.99 -8.96 -13.90
CA MET A 46 13.56 -10.19 -13.37
C MET A 46 12.56 -10.81 -12.40
N LYS A 47 12.27 -12.11 -12.57
CA LYS A 47 11.36 -12.81 -11.64
C LYS A 47 12.22 -13.10 -10.45
N GLY A 48 12.11 -12.33 -9.40
CA GLY A 48 13.00 -12.58 -8.29
C GLY A 48 12.43 -12.89 -6.92
N LEU A 49 11.11 -12.92 -6.71
CA LEU A 49 10.60 -13.18 -5.37
C LEU A 49 9.36 -14.02 -5.34
N ILE A 50 9.15 -14.75 -4.23
CA ILE A 50 7.92 -15.49 -4.11
C ILE A 50 7.11 -14.64 -3.18
N TYR A 51 5.87 -14.33 -3.55
CA TYR A 51 5.01 -13.45 -2.75
C TYR A 51 3.61 -13.98 -3.02
N GLU A 52 3.00 -14.52 -2.00
CA GLU A 52 1.72 -15.20 -2.16
C GLU A 52 0.42 -14.47 -2.22
N THR A 53 0.30 -13.32 -1.55
CA THR A 53 -0.95 -12.63 -1.45
C THR A 53 -1.61 -12.02 -2.66
N SER A 54 -0.83 -11.53 -3.58
CA SER A 54 -1.39 -10.95 -4.80
C SER A 54 -0.33 -11.07 -5.88
N VAL A 55 -0.81 -11.01 -7.11
CA VAL A 55 -0.01 -11.13 -8.30
C VAL A 55 -0.50 -10.12 -9.29
N LEU A 56 0.44 -9.43 -9.88
CA LEU A 56 0.06 -8.40 -10.86
C LEU A 56 0.34 -8.85 -12.29
N ASP A 57 -0.70 -8.74 -13.13
CA ASP A 57 -0.59 -9.04 -14.54
C ASP A 57 -0.34 -7.67 -15.26
N PRO A 58 0.62 -7.57 -16.17
CA PRO A 58 0.86 -6.31 -16.82
C PRO A 58 -0.26 -5.72 -17.63
N ASP A 59 -1.15 -6.61 -18.10
CA ASP A 59 -2.29 -6.15 -18.90
C ASP A 59 -3.55 -5.97 -18.12
N GLU A 60 -3.76 -6.96 -17.25
CA GLU A 60 -4.96 -6.98 -16.47
C GLU A 60 -4.90 -6.32 -15.13
N GLY A 61 -3.69 -6.06 -14.64
CA GLY A 61 -3.76 -5.45 -13.30
C GLY A 61 -3.71 -6.50 -12.18
N ILE A 62 -3.98 -6.01 -10.98
CA ILE A 62 -3.90 -6.82 -9.81
C ILE A 62 -4.92 -7.89 -9.52
N ARG A 63 -4.45 -9.00 -8.98
CA ARG A 63 -5.36 -10.04 -8.51
C ARG A 63 -4.98 -10.36 -7.06
N PHE A 64 -5.96 -10.35 -6.18
CA PHE A 64 -5.77 -10.67 -4.78
C PHE A 64 -6.18 -12.12 -4.61
N ARG A 65 -5.19 -13.01 -4.40
CA ARG A 65 -5.45 -14.43 -4.24
C ARG A 65 -6.32 -14.88 -5.42
N GLY A 66 -6.01 -14.40 -6.59
CA GLY A 66 -6.79 -14.81 -7.77
C GLY A 66 -7.99 -13.94 -8.15
N PHE A 67 -8.43 -13.04 -7.29
CA PHE A 67 -9.55 -12.19 -7.62
C PHE A 67 -9.19 -10.79 -8.02
N SER A 68 -9.87 -10.33 -9.03
CA SER A 68 -9.68 -8.99 -9.49
C SER A 68 -10.52 -8.07 -8.64
N ILE A 69 -10.20 -6.82 -8.76
CA ILE A 69 -10.94 -5.79 -8.05
C ILE A 69 -12.47 -5.88 -8.19
N PRO A 70 -12.99 -5.95 -9.42
CA PRO A 70 -14.43 -6.04 -9.61
C PRO A 70 -15.04 -7.21 -8.86
N GLU A 71 -14.28 -8.34 -8.85
CA GLU A 71 -14.63 -9.56 -8.17
C GLU A 71 -14.67 -9.28 -6.68
N CYS A 72 -13.66 -8.60 -6.20
CA CYS A 72 -13.72 -8.29 -4.78
C CYS A 72 -14.92 -7.43 -4.41
N GLN A 73 -15.16 -6.45 -5.24
CA GLN A 73 -16.26 -5.54 -5.00
C GLN A 73 -17.56 -6.30 -4.83
N LYS A 74 -17.64 -7.26 -5.73
CA LYS A 74 -18.81 -8.10 -5.75
C LYS A 74 -18.86 -9.16 -4.65
N LEU A 75 -17.73 -9.82 -4.34
CA LEU A 75 -17.75 -10.85 -3.31
C LEU A 75 -17.49 -10.47 -1.87
N LEU A 76 -16.74 -9.43 -1.62
CA LEU A 76 -16.47 -9.19 -0.22
C LEU A 76 -17.61 -8.59 0.56
N PRO A 77 -17.74 -8.99 1.84
CA PRO A 77 -18.75 -8.41 2.68
C PRO A 77 -18.67 -6.90 2.76
N LYS A 78 -19.84 -6.28 2.75
CA LYS A 78 -19.98 -4.85 2.84
C LYS A 78 -20.56 -4.45 4.17
N ALA A 79 -20.52 -3.16 4.48
CA ALA A 79 -21.10 -2.67 5.73
C ALA A 79 -22.63 -2.67 5.60
N GLY A 80 -23.33 -2.67 6.72
CA GLY A 80 -24.79 -2.65 6.65
C GLY A 80 -25.23 -1.38 5.92
N GLY A 81 -25.85 -1.57 4.78
CA GLY A 81 -26.31 -0.44 4.00
C GLY A 81 -25.19 0.06 3.09
N GLY A 82 -24.02 -0.59 3.15
CA GLY A 82 -22.89 -0.18 2.35
C GLY A 82 -22.85 -0.81 0.96
N GLU A 83 -21.98 -0.27 0.13
CA GLU A 83 -21.72 -0.71 -1.22
C GLU A 83 -20.26 -1.08 -1.39
N GLU A 84 -19.38 -0.44 -0.58
CA GLU A 84 -17.94 -0.75 -0.76
C GLU A 84 -17.46 -1.87 0.15
N PRO A 85 -16.50 -2.65 -0.33
CA PRO A 85 -16.03 -3.74 0.47
C PRO A 85 -15.25 -3.30 1.71
N LEU A 86 -15.42 -4.06 2.77
CA LEU A 86 -14.72 -3.77 4.00
C LEU A 86 -13.27 -4.31 3.94
N PRO A 87 -12.30 -3.50 4.33
CA PRO A 87 -10.95 -3.98 4.20
C PRO A 87 -10.66 -5.21 5.10
N GLU A 88 -11.44 -5.36 6.17
CA GLU A 88 -11.30 -6.46 7.06
C GLU A 88 -11.42 -7.76 6.29
N GLY A 89 -12.36 -7.77 5.37
CA GLY A 89 -12.63 -8.93 4.51
C GLY A 89 -11.48 -9.19 3.55
N LEU A 90 -10.92 -8.11 3.01
CA LEU A 90 -9.80 -8.27 2.12
C LEU A 90 -8.63 -8.91 2.87
N PHE A 91 -8.41 -8.46 4.10
CA PHE A 91 -7.32 -9.00 4.91
C PHE A 91 -7.49 -10.51 5.08
N TRP A 92 -8.74 -10.91 5.36
CA TRP A 92 -9.03 -12.34 5.48
C TRP A 92 -8.70 -13.12 4.23
N LEU A 93 -9.09 -12.57 3.09
CA LEU A 93 -8.83 -13.21 1.83
C LEU A 93 -7.34 -13.36 1.57
N LEU A 94 -6.58 -12.27 1.86
CA LEU A 94 -5.15 -12.34 1.57
C LEU A 94 -4.47 -13.37 2.42
N VAL A 95 -4.83 -13.40 3.68
CA VAL A 95 -4.19 -14.31 4.58
C VAL A 95 -4.56 -15.75 4.36
N THR A 96 -5.82 -16.00 4.14
CA THR A 96 -6.28 -17.41 3.95
C THR A 96 -6.50 -17.85 2.55
N GLY A 97 -6.67 -16.94 1.61
CA GLY A 97 -6.97 -17.42 0.29
C GLY A 97 -8.46 -17.71 0.09
N GLN A 98 -9.24 -17.51 1.14
CA GLN A 98 -10.65 -17.76 1.04
C GLN A 98 -11.43 -16.50 1.31
N ILE A 99 -12.56 -16.41 0.59
CA ILE A 99 -13.50 -15.30 0.75
C ILE A 99 -14.17 -15.49 2.09
N PRO A 100 -14.16 -14.48 2.91
CA PRO A 100 -14.74 -14.69 4.21
C PRO A 100 -16.20 -14.46 4.27
N THR A 101 -16.77 -14.97 5.36
CA THR A 101 -18.21 -14.77 5.67
C THR A 101 -18.35 -13.46 6.42
N PRO A 102 -19.56 -12.96 6.49
CA PRO A 102 -19.69 -11.70 7.17
C PRO A 102 -19.43 -11.87 8.65
N GLU A 103 -19.65 -13.09 9.09
CA GLU A 103 -19.40 -13.35 10.48
C GLU A 103 -17.90 -13.30 10.75
N GLN A 104 -17.10 -13.80 9.79
CA GLN A 104 -15.67 -13.80 9.93
C GLN A 104 -15.15 -12.37 9.93
N VAL A 105 -15.77 -11.61 9.02
CA VAL A 105 -15.42 -10.22 8.89
C VAL A 105 -15.67 -9.47 10.19
N SER A 106 -16.79 -9.74 10.83
CA SER A 106 -16.98 -8.95 12.05
C SER A 106 -16.04 -9.34 13.18
N TRP A 107 -15.55 -10.57 13.07
CA TRP A 107 -14.65 -10.93 14.14
C TRP A 107 -13.38 -10.11 13.97
N VAL A 108 -12.96 -9.98 12.71
CA VAL A 108 -11.73 -9.24 12.39
C VAL A 108 -11.93 -7.82 12.93
N SER A 109 -13.07 -7.21 12.65
CA SER A 109 -13.35 -5.87 13.17
C SER A 109 -13.30 -5.79 14.69
N LYS A 110 -13.85 -6.77 15.39
CA LYS A 110 -13.75 -6.67 16.83
C LYS A 110 -12.32 -6.85 17.34
N GLU A 111 -11.58 -7.76 16.69
CA GLU A 111 -10.23 -8.01 17.12
C GLU A 111 -9.43 -6.75 16.98
N TRP A 112 -9.66 -6.10 15.82
CA TRP A 112 -8.91 -4.88 15.63
C TRP A 112 -9.30 -3.76 16.61
N ALA A 113 -10.55 -3.68 17.03
CA ALA A 113 -10.94 -2.65 17.96
C ALA A 113 -10.34 -2.98 19.30
N LYS A 114 -10.32 -4.26 19.66
CA LYS A 114 -9.76 -4.70 20.93
C LYS A 114 -8.29 -4.42 21.09
N ARG A 115 -7.52 -4.54 20.04
CA ARG A 115 -6.09 -4.36 20.12
C ARG A 115 -5.57 -2.97 19.91
N ALA A 116 -6.41 -1.99 19.59
CA ALA A 116 -6.07 -0.60 19.31
C ALA A 116 -5.79 0.16 20.59
N ALA A 117 -4.56 0.39 20.87
CA ALA A 117 -4.17 1.07 22.10
C ALA A 117 -2.73 1.56 21.95
N LEU A 118 -2.47 2.81 22.26
CA LEU A 118 -1.11 3.32 22.15
C LEU A 118 -0.39 3.56 23.46
N PRO A 119 0.88 3.20 23.46
CA PRO A 119 1.71 3.44 24.65
C PRO A 119 2.04 4.92 24.72
N SER A 120 2.18 5.38 25.96
CA SER A 120 2.42 6.79 26.18
C SER A 120 3.69 7.34 25.59
N HIS A 121 4.73 6.56 25.49
CA HIS A 121 5.89 7.18 24.90
C HIS A 121 5.61 7.53 23.45
N VAL A 122 4.75 6.77 22.76
CA VAL A 122 4.48 7.12 21.37
C VAL A 122 3.65 8.35 21.28
N VAL A 123 2.69 8.41 22.20
CA VAL A 123 1.84 9.57 22.24
C VAL A 123 2.63 10.86 22.43
N THR A 124 3.56 10.84 23.40
CA THR A 124 4.36 11.99 23.67
C THR A 124 5.16 12.47 22.51
N MET A 125 5.80 11.51 21.88
CA MET A 125 6.66 11.76 20.73
C MET A 125 5.91 12.49 19.63
N LEU A 126 4.73 12.01 19.34
CA LEU A 126 3.95 12.60 18.26
C LEU A 126 3.52 14.02 18.60
N ASP A 127 3.08 14.12 19.83
CA ASP A 127 2.66 15.38 20.35
C ASP A 127 3.80 16.36 20.43
N ASN A 128 5.02 15.91 20.48
CA ASN A 128 6.15 16.85 20.53
C ASN A 128 6.81 17.14 19.17
N PHE A 129 6.38 16.46 18.13
CA PHE A 129 6.98 16.67 16.82
C PHE A 129 6.59 18.05 16.23
N PRO A 130 7.49 18.66 15.48
CA PRO A 130 7.24 19.95 14.88
C PRO A 130 6.30 19.84 13.71
N THR A 131 5.64 20.96 13.38
CA THR A 131 4.70 20.89 12.28
C THR A 131 5.38 20.80 10.92
N ASN A 132 6.68 21.11 10.83
CA ASN A 132 7.31 21.00 9.51
C ASN A 132 7.86 19.61 9.29
N LEU A 133 7.64 18.67 10.20
CA LEU A 133 8.13 17.30 9.98
C LEU A 133 7.04 16.63 9.13
N HIS A 134 7.33 16.13 7.94
CA HIS A 134 6.37 15.48 7.03
C HIS A 134 5.57 14.40 7.72
N PRO A 135 4.25 14.28 7.37
CA PRO A 135 3.42 13.27 8.01
C PRO A 135 3.94 11.84 7.89
N MET A 136 4.56 11.52 6.78
CA MET A 136 5.11 10.19 6.61
C MET A 136 6.26 9.94 7.51
N SER A 137 7.05 10.96 7.75
CA SER A 137 8.23 10.80 8.61
C SER A 137 7.70 10.66 10.00
N GLN A 138 6.64 11.43 10.36
CA GLN A 138 6.10 11.25 11.71
C GLN A 138 5.57 9.83 11.86
N LEU A 139 4.93 9.32 10.82
CA LEU A 139 4.39 7.95 10.87
C LEU A 139 5.47 6.88 11.01
N SER A 140 6.45 6.89 10.16
CA SER A 140 7.53 5.91 10.21
C SER A 140 8.21 5.95 11.57
N ALA A 141 8.56 7.13 12.09
CA ALA A 141 9.20 7.23 13.44
C ALA A 141 8.31 6.61 14.57
N ALA A 142 6.98 6.88 14.53
CA ALA A 142 6.08 6.30 15.52
C ALA A 142 6.01 4.80 15.47
N ILE A 143 5.95 4.23 14.24
CA ILE A 143 5.89 2.79 14.16
C ILE A 143 7.21 2.16 14.67
N THR A 144 8.35 2.81 14.33
CA THR A 144 9.67 2.35 14.79
C THR A 144 9.64 2.37 16.30
N ALA A 145 9.23 3.47 16.94
CA ALA A 145 9.11 3.60 18.41
C ALA A 145 8.15 2.58 19.07
N LEU A 146 7.19 2.05 18.33
CA LEU A 146 6.26 1.05 18.85
C LEU A 146 6.88 -0.33 19.01
N ASN A 147 8.07 -0.54 18.50
CA ASN A 147 8.66 -1.84 18.60
C ASN A 147 9.01 -2.30 20.00
N SER A 148 8.95 -1.39 20.97
CA SER A 148 9.21 -1.72 22.37
C SER A 148 8.12 -2.73 22.78
N GLU A 149 7.03 -2.72 22.07
CA GLU A 149 5.92 -3.59 22.36
C GLU A 149 5.94 -4.89 21.57
N SER A 150 6.92 -5.11 20.68
CA SER A 150 6.87 -6.30 19.85
C SER A 150 6.90 -7.63 20.58
N ASN A 151 5.91 -8.46 20.25
CA ASN A 151 5.88 -9.80 20.84
C ASN A 151 6.84 -10.70 20.10
N PHE A 152 7.07 -10.43 18.80
CA PHE A 152 8.04 -11.23 18.11
C PHE A 152 9.46 -10.93 18.61
N ALA A 153 9.76 -9.65 18.83
CA ALA A 153 11.08 -9.25 19.29
C ALA A 153 11.39 -9.95 20.60
N ARG A 154 10.39 -9.94 21.45
CA ARG A 154 10.44 -10.56 22.79
C ARG A 154 10.61 -12.06 22.72
N ALA A 155 9.83 -12.77 21.94
CA ALA A 155 9.97 -14.20 21.86
C ALA A 155 11.30 -14.60 21.28
N TYR A 156 11.81 -13.83 20.32
CA TYR A 156 13.09 -14.11 19.71
C TYR A 156 14.17 -14.02 20.79
N ALA A 157 14.14 -12.93 21.52
CA ALA A 157 15.09 -12.72 22.59
C ALA A 157 15.05 -13.86 23.63
N GLU A 158 13.91 -14.53 23.78
CA GLU A 158 13.70 -15.65 24.71
C GLU A 158 14.13 -16.96 24.09
N GLY A 159 14.53 -16.92 22.84
CA GLY A 159 15.01 -18.10 22.26
C GLY A 159 14.02 -19.06 21.69
N ILE A 160 12.91 -18.55 21.30
CA ILE A 160 11.93 -19.44 20.71
C ILE A 160 12.44 -20.21 19.48
N ASN A 161 11.94 -21.43 19.31
CA ASN A 161 12.33 -22.22 18.17
C ASN A 161 11.80 -21.55 16.88
N ARG A 162 12.62 -21.54 15.84
CA ARG A 162 12.23 -20.94 14.54
C ARG A 162 10.90 -21.41 14.00
N THR A 163 10.48 -22.63 14.29
CA THR A 163 9.18 -23.14 13.78
C THR A 163 7.99 -22.29 14.26
N LYS A 164 8.14 -21.62 15.40
CA LYS A 164 7.00 -20.83 15.92
C LYS A 164 7.01 -19.36 15.60
N TYR A 165 8.00 -18.93 14.81
CA TYR A 165 8.05 -17.54 14.44
C TYR A 165 6.69 -16.98 13.96
N TRP A 166 6.03 -17.66 13.02
CA TRP A 166 4.79 -17.14 12.51
C TRP A 166 3.75 -16.78 13.52
N GLU A 167 3.72 -17.50 14.64
CA GLU A 167 2.68 -17.22 15.62
C GLU A 167 2.88 -15.90 16.23
N PHE A 168 4.14 -15.51 16.40
CA PHE A 168 4.41 -14.19 17.00
C PHE A 168 4.31 -13.02 16.00
N VAL A 169 4.66 -13.30 14.77
CA VAL A 169 4.53 -12.34 13.72
C VAL A 169 3.02 -12.06 13.57
N TYR A 170 2.17 -13.06 13.63
CA TYR A 170 0.72 -12.87 13.50
C TYR A 170 0.16 -11.93 14.56
N GLU A 171 0.57 -12.15 15.79
CA GLU A 171 0.12 -11.27 16.86
C GLU A 171 0.59 -9.84 16.68
N ASP A 172 1.90 -9.65 16.33
CA ASP A 172 2.35 -8.27 16.12
C ASP A 172 1.63 -7.66 14.92
N ALA A 173 1.35 -8.47 13.91
CA ALA A 173 0.62 -8.00 12.69
C ALA A 173 -0.79 -7.47 13.04
N MET A 174 -1.54 -8.27 13.79
CA MET A 174 -2.88 -7.84 14.17
C MET A 174 -2.83 -6.63 15.15
N ASP A 175 -1.79 -6.55 16.01
CA ASP A 175 -1.66 -5.42 16.90
C ASP A 175 -1.33 -4.13 16.16
N LEU A 176 -0.46 -4.26 15.16
CA LEU A 176 -0.01 -3.14 14.35
C LEU A 176 -1.11 -2.54 13.48
N ILE A 177 -1.88 -3.44 12.81
CA ILE A 177 -2.99 -3.03 12.00
C ILE A 177 -4.00 -2.28 12.86
N ALA A 178 -4.20 -2.78 14.09
CA ALA A 178 -5.15 -2.18 15.04
C ALA A 178 -4.71 -0.78 15.47
N LYS A 179 -3.45 -0.63 15.62
CA LYS A 179 -2.97 0.62 16.09
C LYS A 179 -2.79 1.69 15.05
N LEU A 180 -2.53 1.25 13.83
CA LEU A 180 -2.29 2.18 12.75
C LEU A 180 -3.23 3.39 12.63
N PRO A 181 -4.53 3.17 12.67
CA PRO A 181 -5.39 4.29 12.49
C PRO A 181 -5.28 5.29 13.62
N CYS A 182 -4.94 4.85 14.82
CA CYS A 182 -4.82 5.78 15.93
C CYS A 182 -3.56 6.64 15.76
N VAL A 183 -2.50 6.02 15.30
CA VAL A 183 -1.29 6.78 15.08
C VAL A 183 -1.58 7.75 13.96
N ALA A 184 -2.14 7.23 12.86
CA ALA A 184 -2.38 8.11 11.77
C ALA A 184 -3.28 9.28 12.09
N ALA A 185 -4.35 9.00 12.86
CA ALA A 185 -5.34 10.03 13.20
C ALA A 185 -4.73 11.02 14.16
N LYS A 186 -3.84 10.56 15.05
CA LYS A 186 -3.21 11.47 15.96
C LYS A 186 -2.36 12.50 15.18
N ILE A 187 -1.65 12.02 14.16
CA ILE A 187 -0.82 12.91 13.36
C ILE A 187 -1.73 13.98 12.72
N TYR A 188 -2.81 13.50 12.14
CA TYR A 188 -3.75 14.37 11.47
C TYR A 188 -4.29 15.48 12.36
N ARG A 189 -4.77 15.12 13.52
CA ARG A 189 -5.29 16.08 14.46
C ARG A 189 -4.23 17.06 14.98
N ASN A 190 -3.05 16.56 15.29
CA ASN A 190 -2.03 17.43 15.81
C ASN A 190 -1.62 18.49 14.81
N LEU A 191 -1.57 18.08 13.57
CA LEU A 191 -1.15 18.99 12.56
C LEU A 191 -2.25 19.87 12.07
N TYR A 192 -3.43 19.29 11.86
CA TYR A 192 -4.45 20.10 11.27
C TYR A 192 -5.62 20.43 12.12
N ARG A 193 -5.73 19.86 13.31
CA ARG A 193 -6.91 20.19 14.16
C ARG A 193 -6.40 20.46 15.57
N ALA A 194 -5.28 21.22 15.65
CA ALA A 194 -4.64 21.48 16.93
C ALA A 194 -5.56 21.81 18.09
N GLY A 195 -5.43 21.03 19.17
CA GLY A 195 -6.21 21.16 20.41
C GLY A 195 -7.41 20.23 20.58
N SER A 196 -7.66 19.44 19.55
CA SER A 196 -8.75 18.50 19.59
C SER A 196 -8.14 17.09 19.87
N SER A 197 -9.01 16.06 20.11
CA SER A 197 -8.71 14.65 20.47
C SER A 197 -9.28 13.65 19.51
N ILE A 198 -8.56 12.53 19.28
CA ILE A 198 -9.03 11.53 18.36
C ILE A 198 -10.20 10.73 18.84
N GLY A 199 -10.30 10.82 20.15
CA GLY A 199 -11.39 10.14 20.77
C GLY A 199 -11.12 8.66 21.01
N ALA A 200 -12.22 7.93 21.19
CA ALA A 200 -12.15 6.50 21.48
C ALA A 200 -12.67 5.55 20.42
N ILE A 201 -12.19 4.31 20.53
CA ILE A 201 -12.59 3.27 19.62
C ILE A 201 -13.93 2.72 20.03
N ASP A 202 -14.76 2.50 19.03
CA ASP A 202 -16.05 1.95 19.26
C ASP A 202 -15.92 0.54 18.75
N SER A 203 -15.98 -0.39 19.69
CA SER A 203 -15.81 -1.80 19.37
C SER A 203 -16.88 -2.32 18.45
N LYS A 204 -17.90 -1.53 18.23
CA LYS A 204 -19.01 -1.87 17.41
C LYS A 204 -18.88 -1.47 15.96
N LEU A 205 -17.87 -0.69 15.60
CA LEU A 205 -17.76 -0.31 14.20
C LEU A 205 -16.65 -1.01 13.47
N ASP A 206 -16.70 -0.86 12.14
CA ASP A 206 -15.67 -1.40 11.27
C ASP A 206 -14.46 -0.47 11.39
N TRP A 207 -13.32 -1.01 11.06
CA TRP A 207 -12.05 -0.32 11.15
C TRP A 207 -12.04 1.02 10.40
N SER A 208 -12.58 1.01 9.20
CA SER A 208 -12.67 2.20 8.40
C SER A 208 -13.48 3.31 9.09
N HIS A 209 -14.60 2.90 9.65
CA HIS A 209 -15.48 3.86 10.36
C HIS A 209 -14.86 4.43 11.64
N ASN A 210 -14.17 3.61 12.43
CA ASN A 210 -13.53 4.18 13.60
C ASN A 210 -12.42 5.14 13.09
N PHE A 211 -11.73 4.82 12.00
CA PHE A 211 -10.68 5.70 11.47
C PHE A 211 -11.26 7.04 11.08
N THR A 212 -12.34 7.03 10.27
CA THR A 212 -12.92 8.28 9.85
C THR A 212 -13.45 9.12 10.99
N ASN A 213 -13.92 8.47 12.04
CA ASN A 213 -14.38 9.21 13.19
C ASN A 213 -13.18 9.85 13.90
N MET A 214 -12.06 9.12 13.96
CA MET A 214 -10.88 9.74 14.63
C MET A 214 -10.33 10.93 13.86
N LEU A 215 -10.50 10.91 12.50
CA LEU A 215 -10.09 11.95 11.53
C LEU A 215 -11.06 13.11 11.66
N GLY A 216 -12.26 12.82 12.16
CA GLY A 216 -13.26 13.84 12.39
C GLY A 216 -14.22 14.14 11.25
N TYR A 217 -14.48 13.13 10.42
CA TYR A 217 -15.34 13.26 9.28
C TYR A 217 -16.66 12.62 9.54
N THR A 218 -17.73 13.34 9.23
CA THR A 218 -19.06 12.76 9.47
C THR A 218 -19.77 12.18 8.24
N ASP A 219 -19.49 12.72 7.07
CA ASP A 219 -20.14 12.28 5.84
C ASP A 219 -20.06 10.79 5.62
N PRO A 220 -21.23 10.18 5.47
CA PRO A 220 -21.33 8.76 5.25
C PRO A 220 -20.73 8.31 3.93
N GLN A 221 -20.70 9.19 2.92
CA GLN A 221 -20.12 8.77 1.66
C GLN A 221 -18.61 8.72 1.80
N PHE A 222 -18.13 9.55 2.73
CA PHE A 222 -16.70 9.63 3.02
C PHE A 222 -16.28 8.28 3.63
N THR A 223 -17.17 7.75 4.52
CA THR A 223 -16.90 6.45 5.18
C THR A 223 -16.74 5.37 4.07
N GLU A 224 -17.62 5.44 3.06
CA GLU A 224 -17.63 4.52 1.96
C GLU A 224 -16.36 4.67 1.10
N LEU A 225 -15.95 5.91 0.88
CA LEU A 225 -14.73 6.10 0.12
C LEU A 225 -13.52 5.47 0.84
N MET A 226 -13.46 5.71 2.14
CA MET A 226 -12.37 5.20 2.92
C MET A 226 -12.32 3.68 2.88
N ARG A 227 -13.46 2.99 2.94
CA ARG A 227 -13.48 1.52 2.85
C ARG A 227 -12.88 1.06 1.53
N LEU A 228 -13.31 1.68 0.47
CA LEU A 228 -12.80 1.37 -0.87
C LEU A 228 -11.31 1.68 -1.00
N TYR A 229 -10.96 2.87 -0.54
CA TYR A 229 -9.57 3.29 -0.60
C TYR A 229 -8.67 2.30 0.13
N LEU A 230 -9.03 2.04 1.39
CA LEU A 230 -8.24 1.12 2.15
C LEU A 230 -8.18 -0.31 1.55
N THR A 231 -9.20 -0.72 0.82
CA THR A 231 -9.17 -2.04 0.23
C THR A 231 -8.24 -2.06 -0.99
N ILE A 232 -8.36 -1.05 -1.86
CA ILE A 232 -7.61 -1.08 -3.10
C ILE A 232 -6.17 -0.80 -3.05
N HIS A 233 -5.79 -0.10 -1.99
CA HIS A 233 -4.37 0.20 -1.89
C HIS A 233 -3.59 -0.86 -1.11
N SER A 234 -4.30 -1.89 -0.63
CA SER A 234 -3.79 -2.93 0.25
C SER A 234 -2.51 -3.68 -0.12
N ASP A 235 -2.42 -4.11 -1.39
CA ASP A 235 -1.25 -4.90 -1.83
C ASP A 235 -1.07 -4.80 -3.34
N HIS A 236 0.15 -5.01 -3.85
CA HIS A 236 0.33 -4.90 -5.27
C HIS A 236 1.51 -5.78 -5.62
N GLU A 237 1.36 -7.08 -5.27
CA GLU A 237 2.42 -8.06 -5.47
C GLU A 237 3.62 -7.72 -4.64
N GLY A 238 4.73 -8.44 -4.75
CA GLY A 238 5.91 -8.24 -3.88
C GLY A 238 7.01 -7.38 -4.36
N GLY A 239 7.07 -7.05 -5.63
CA GLY A 239 8.21 -6.26 -6.09
C GLY A 239 8.10 -4.79 -6.00
N ASN A 240 6.95 -4.28 -5.59
CA ASN A 240 6.81 -2.87 -5.45
C ASN A 240 7.71 -2.43 -4.32
N VAL A 241 8.25 -1.20 -4.33
CA VAL A 241 9.20 -0.76 -3.30
C VAL A 241 8.84 -1.04 -1.84
N SER A 242 7.63 -0.66 -1.43
CA SER A 242 7.23 -0.85 -0.06
C SER A 242 7.08 -2.30 0.35
N ALA A 243 6.42 -3.12 -0.45
CA ALA A 243 6.32 -4.52 -0.08
C ALA A 243 7.68 -5.20 -0.12
N HIS A 244 8.54 -4.95 -1.14
CA HIS A 244 9.84 -5.57 -1.21
C HIS A 244 10.70 -5.16 0.02
N THR A 245 10.60 -3.88 0.44
CA THR A 245 11.36 -3.40 1.59
C THR A 245 10.89 -4.16 2.83
N SER A 246 9.57 -4.29 3.04
CA SER A 246 9.11 -5.01 4.21
C SER A 246 9.62 -6.45 4.20
N HIS A 247 9.61 -7.03 2.99
CA HIS A 247 10.03 -8.40 2.80
C HIS A 247 11.49 -8.62 3.07
N LEU A 248 12.31 -7.75 2.50
CA LEU A 248 13.75 -7.80 2.69
C LEU A 248 14.13 -7.58 4.18
N VAL A 249 13.59 -6.56 4.85
CA VAL A 249 13.90 -6.28 6.24
C VAL A 249 13.39 -7.42 7.14
N GLY A 250 12.18 -7.85 6.88
CA GLY A 250 11.62 -8.95 7.65
C GLY A 250 12.47 -10.20 7.51
N SER A 251 13.16 -10.41 6.37
CA SER A 251 13.95 -11.61 6.17
C SER A 251 15.10 -11.79 7.13
N ALA A 252 15.56 -10.69 7.70
CA ALA A 252 16.62 -10.66 8.66
C ALA A 252 16.14 -10.92 10.07
N LEU A 253 14.84 -11.16 10.16
CA LEU A 253 14.25 -11.36 11.47
C LEU A 253 13.93 -10.12 12.28
N SER A 254 13.96 -8.95 11.62
CA SER A 254 13.51 -7.74 12.30
C SER A 254 12.01 -7.90 12.46
N ASP A 255 11.46 -7.32 13.55
CA ASP A 255 10.05 -7.43 13.87
C ASP A 255 9.14 -6.72 12.91
N PRO A 256 7.86 -7.06 12.89
CA PRO A 256 6.93 -6.46 11.98
C PRO A 256 6.86 -4.91 12.03
N TYR A 257 7.08 -4.36 13.21
CA TYR A 257 7.07 -2.91 13.40
C TYR A 257 8.23 -2.29 12.67
N LEU A 258 9.39 -2.85 12.85
CA LEU A 258 10.62 -2.33 12.17
C LEU A 258 10.52 -2.53 10.64
N SER A 259 10.01 -3.70 10.24
CA SER A 259 9.82 -4.03 8.84
C SER A 259 8.77 -3.08 8.17
N PHE A 260 7.68 -2.79 8.85
CA PHE A 260 6.71 -1.91 8.25
C PHE A 260 7.18 -0.44 8.19
N ALA A 261 7.86 0.04 9.24
CA ALA A 261 8.40 1.41 9.27
C ALA A 261 9.38 1.56 8.10
N ALA A 262 10.27 0.57 7.88
CA ALA A 262 11.18 0.68 6.78
C ALA A 262 10.41 0.80 5.48
N ALA A 263 9.28 0.07 5.37
CA ALA A 263 8.47 0.06 4.16
C ALA A 263 7.89 1.41 3.91
N MET A 264 7.56 2.04 5.00
CA MET A 264 7.00 3.36 4.95
C MET A 264 8.02 4.36 4.42
N ASN A 265 9.27 4.18 4.75
CA ASN A 265 10.26 5.10 4.23
C ASN A 265 10.41 4.91 2.72
N GLY A 266 10.08 3.72 2.21
CA GLY A 266 10.13 3.44 0.78
C GLY A 266 8.86 4.03 0.11
N LEU A 267 7.69 3.88 0.74
CA LEU A 267 6.42 4.46 0.21
C LEU A 267 6.47 6.00 0.12
N ALA A 268 7.22 6.66 1.03
CA ALA A 268 7.36 8.13 1.04
C ALA A 268 8.22 8.65 -0.14
N GLY A 269 8.68 7.77 -1.02
CA GLY A 269 9.50 8.21 -2.14
C GLY A 269 8.60 8.77 -3.26
N PRO A 270 8.99 9.89 -3.91
CA PRO A 270 8.20 10.50 -4.99
C PRO A 270 7.82 9.57 -6.14
N LEU A 271 8.69 8.60 -6.39
CA LEU A 271 8.46 7.62 -7.48
C LEU A 271 7.55 6.47 -7.02
N HIS A 272 7.26 6.45 -5.73
CA HIS A 272 6.37 5.43 -5.14
C HIS A 272 5.08 6.07 -4.61
N GLY A 273 4.74 5.81 -3.37
CA GLY A 273 3.48 6.34 -2.82
C GLY A 273 3.32 7.84 -2.69
N LEU A 274 4.44 8.62 -2.58
CA LEU A 274 4.28 10.03 -2.43
C LEU A 274 3.67 10.65 -3.71
N ALA A 275 3.70 9.91 -4.81
CA ALA A 275 3.10 10.40 -6.06
C ALA A 275 1.66 10.90 -5.84
N ASN A 276 0.91 10.33 -4.84
CA ASN A 276 -0.48 10.75 -4.61
C ASN A 276 -0.59 12.17 -4.20
N GLN A 277 0.37 12.59 -3.42
CA GLN A 277 0.49 13.95 -2.93
C GLN A 277 1.02 14.85 -4.06
N GLU A 278 2.00 14.32 -4.83
CA GLU A 278 2.67 15.01 -5.92
C GLU A 278 1.69 15.37 -7.03
N VAL A 279 0.72 14.49 -7.25
CA VAL A 279 -0.32 14.70 -8.27
C VAL A 279 -1.16 15.95 -7.86
N LEU A 280 -1.59 16.00 -6.60
CA LEU A 280 -2.39 17.14 -6.17
C LEU A 280 -1.56 18.44 -6.18
N LEU A 281 -0.28 18.40 -5.81
CA LEU A 281 0.50 19.62 -5.84
C LEU A 281 0.65 20.04 -7.32
N TRP A 282 0.87 19.10 -8.25
CA TRP A 282 1.01 19.41 -9.69
C TRP A 282 -0.28 19.98 -10.29
N LEU A 283 -1.41 19.45 -9.85
CA LEU A 283 -2.71 19.91 -10.26
C LEU A 283 -2.96 21.29 -9.73
N SER A 284 -2.58 21.53 -8.48
CA SER A 284 -2.77 22.88 -7.89
C SER A 284 -1.94 23.97 -8.59
N GLN A 285 -0.72 23.68 -9.04
CA GLN A 285 0.12 24.64 -9.74
C GLN A 285 -0.50 24.87 -11.11
N LEU A 286 -1.10 23.80 -11.61
CA LEU A 286 -1.73 23.83 -12.91
C LEU A 286 -2.82 24.87 -12.96
N GLN A 287 -3.83 24.56 -12.16
CA GLN A 287 -5.01 25.40 -12.05
C GLN A 287 -4.61 26.78 -11.62
N LYS A 288 -3.42 26.89 -11.05
CA LYS A 288 -2.97 28.19 -10.61
C LYS A 288 -2.41 29.00 -11.76
N ASP A 289 -1.54 28.36 -12.53
CA ASP A 289 -0.89 28.96 -13.68
C ASP A 289 -1.94 29.28 -14.71
N LEU A 290 -2.58 28.21 -15.14
CA LEU A 290 -3.62 28.27 -16.15
C LEU A 290 -5.01 28.67 -15.72
N GLY A 291 -5.28 28.57 -14.43
CA GLY A 291 -6.60 28.93 -13.97
C GLY A 291 -7.72 28.00 -14.44
N ALA A 292 -8.32 27.29 -13.48
CA ALA A 292 -9.43 26.33 -13.53
C ALA A 292 -9.85 25.61 -14.82
N ASP A 293 -10.51 26.32 -15.76
CA ASP A 293 -10.95 25.68 -16.99
C ASP A 293 -10.03 25.89 -18.21
N ALA A 294 -9.06 24.98 -18.32
CA ALA A 294 -8.07 25.05 -19.36
C ALA A 294 -8.47 24.38 -20.68
N SER A 295 -7.82 24.87 -21.74
CA SER A 295 -7.96 24.39 -23.09
C SER A 295 -6.99 23.23 -23.23
N ASP A 296 -7.25 22.39 -24.20
CA ASP A 296 -6.36 21.28 -24.33
C ASP A 296 -4.95 21.69 -24.69
N GLU A 297 -4.84 22.63 -25.60
CA GLU A 297 -3.54 23.11 -26.04
C GLU A 297 -2.74 23.66 -24.87
N LYS A 298 -3.41 24.33 -23.94
CA LYS A 298 -2.71 24.85 -22.78
C LYS A 298 -2.25 23.75 -21.83
N LEU A 299 -3.05 22.70 -21.70
CA LEU A 299 -2.65 21.58 -20.85
C LEU A 299 -1.44 20.91 -21.45
N ARG A 300 -1.44 20.74 -22.78
CA ARG A 300 -0.28 20.07 -23.38
C ARG A 300 1.00 20.87 -23.08
N ASP A 301 0.89 22.19 -23.27
CA ASP A 301 2.03 23.07 -23.03
C ASP A 301 2.56 22.88 -21.63
N TYR A 302 1.63 22.84 -20.69
CA TYR A 302 1.95 22.67 -19.28
C TYR A 302 2.70 21.35 -19.01
N ILE A 303 2.24 20.27 -19.65
CA ILE A 303 2.89 18.97 -19.52
C ILE A 303 4.29 18.96 -20.13
N TRP A 304 4.40 19.56 -21.31
CA TRP A 304 5.67 19.64 -21.97
C TRP A 304 6.68 20.37 -21.11
N ASN A 305 6.28 21.49 -20.49
CA ASN A 305 7.22 22.23 -19.66
C ASN A 305 7.83 21.34 -18.53
N THR A 306 6.95 20.55 -17.87
CA THR A 306 7.39 19.62 -16.81
C THR A 306 8.40 18.68 -17.40
N LEU A 307 8.01 18.05 -18.55
CA LEU A 307 8.92 17.13 -19.16
C LEU A 307 10.28 17.75 -19.54
N ASN A 308 10.19 18.93 -20.13
CA ASN A 308 11.38 19.59 -20.58
C ASN A 308 12.26 20.10 -19.48
N SER A 309 11.74 20.17 -18.26
CA SER A 309 12.49 20.65 -17.14
C SER A 309 13.18 19.52 -16.37
N GLY A 310 13.21 18.31 -16.93
CA GLY A 310 13.85 17.18 -16.25
C GLY A 310 13.07 16.59 -15.04
N ARG A 311 11.72 16.69 -15.14
CA ARG A 311 10.87 16.19 -14.07
C ARG A 311 9.87 15.12 -14.59
N VAL A 312 9.26 14.35 -13.69
CA VAL A 312 8.24 13.38 -14.14
C VAL A 312 6.81 13.96 -14.00
N VAL A 313 5.85 13.41 -14.78
CA VAL A 313 4.46 13.84 -14.68
C VAL A 313 3.95 12.79 -13.66
N PRO A 314 3.52 13.22 -12.48
CA PRO A 314 3.10 12.27 -11.42
C PRO A 314 1.79 11.57 -11.74
N GLY A 315 1.62 10.29 -11.36
CA GLY A 315 0.41 9.54 -11.55
C GLY A 315 0.29 8.84 -12.85
N TYR A 316 1.35 8.89 -13.64
CA TYR A 316 1.40 8.22 -14.96
C TYR A 316 2.63 7.30 -15.05
N GLY A 317 2.48 6.16 -15.77
CA GLY A 317 3.55 5.21 -15.94
C GLY A 317 3.53 4.15 -14.81
N HIS A 318 4.30 3.10 -15.05
CA HIS A 318 4.36 1.99 -14.06
C HIS A 318 5.51 1.05 -14.37
N ALA A 319 6.11 0.45 -13.35
CA ALA A 319 7.20 -0.44 -13.69
C ALA A 319 6.71 -1.73 -14.33
N VAL A 320 5.46 -2.15 -14.11
CA VAL A 320 5.07 -3.42 -14.66
C VAL A 320 3.76 -3.30 -15.44
N LEU A 321 2.82 -2.49 -14.95
CA LEU A 321 1.59 -2.38 -15.75
C LEU A 321 1.92 -1.78 -17.13
N ARG A 322 1.16 -2.22 -18.12
CA ARG A 322 1.28 -1.77 -19.49
C ARG A 322 0.00 -1.17 -20.06
N LYS A 323 -1.01 -1.14 -19.22
CA LYS A 323 -2.31 -0.61 -19.52
C LYS A 323 -2.78 0.19 -18.34
N THR A 324 -3.91 0.88 -18.49
CA THR A 324 -4.49 1.68 -17.43
C THR A 324 -4.77 0.77 -16.21
N ASP A 325 -4.34 1.32 -15.08
CA ASP A 325 -4.50 0.64 -13.79
C ASP A 325 -5.98 0.51 -13.42
N PRO A 326 -6.46 -0.72 -13.18
CA PRO A 326 -7.83 -0.95 -12.77
C PRO A 326 -8.10 -0.19 -11.48
N ARG A 327 -7.06 0.13 -10.66
CA ARG A 327 -7.29 0.92 -9.49
C ARG A 327 -7.70 2.33 -9.87
N TYR A 328 -7.14 2.80 -11.01
CA TYR A 328 -7.53 4.13 -11.48
C TYR A 328 -9.00 4.07 -11.95
N THR A 329 -9.30 3.02 -12.73
CA THR A 329 -10.66 2.84 -13.23
C THR A 329 -11.70 2.76 -12.16
N CYS A 330 -11.36 2.00 -11.17
CA CYS A 330 -12.22 1.81 -10.04
C CYS A 330 -12.50 3.16 -9.31
N GLN A 331 -11.51 4.04 -9.26
CA GLN A 331 -11.72 5.35 -8.65
C GLN A 331 -12.59 6.28 -9.50
N ARG A 332 -12.40 6.23 -10.79
CA ARG A 332 -13.13 7.00 -11.80
C ARG A 332 -14.61 6.73 -11.69
N GLU A 333 -14.84 5.45 -11.61
CA GLU A 333 -16.17 4.95 -11.47
C GLU A 333 -16.87 5.45 -10.22
N PHE A 334 -16.14 5.55 -9.09
CA PHE A 334 -16.64 6.08 -7.85
C PHE A 334 -16.96 7.57 -8.05
N ALA A 335 -16.06 8.30 -8.66
CA ALA A 335 -16.23 9.72 -8.96
C ALA A 335 -17.48 9.93 -9.85
N LEU A 336 -17.60 9.17 -10.92
CA LEU A 336 -18.74 9.34 -11.78
C LEU A 336 -20.06 9.17 -11.06
N LYS A 337 -20.08 8.26 -10.07
CA LYS A 337 -21.29 7.98 -9.27
C LYS A 337 -21.56 9.06 -8.24
N HIS A 338 -20.50 9.55 -7.57
CA HIS A 338 -20.63 10.53 -6.51
C HIS A 338 -20.24 11.96 -6.62
N LEU A 339 -19.35 12.33 -7.51
CA LEU A 339 -18.96 13.71 -7.57
C LEU A 339 -18.64 14.04 -9.03
N PRO A 340 -19.55 13.69 -9.92
CA PRO A 340 -19.34 13.90 -11.35
C PRO A 340 -19.08 15.30 -11.86
N SER A 341 -19.54 16.28 -11.11
CA SER A 341 -19.38 17.64 -11.54
C SER A 341 -18.28 18.41 -10.84
N ASP A 342 -17.48 17.68 -10.10
CA ASP A 342 -16.40 18.33 -9.41
C ASP A 342 -15.41 18.76 -10.47
N PRO A 343 -14.98 20.00 -10.39
CA PRO A 343 -14.06 20.58 -11.34
C PRO A 343 -12.69 19.98 -11.38
N MET A 344 -12.23 19.51 -10.21
CA MET A 344 -10.92 18.91 -10.18
C MET A 344 -11.00 17.54 -10.86
N PHE A 345 -12.12 16.88 -10.56
CA PHE A 345 -12.38 15.58 -11.15
C PHE A 345 -12.38 15.78 -12.66
N LYS A 346 -13.11 16.81 -13.09
CA LYS A 346 -13.21 17.12 -14.49
C LYS A 346 -11.82 17.34 -15.13
N LEU A 347 -10.93 17.95 -14.37
CA LEU A 347 -9.57 18.20 -14.83
C LEU A 347 -8.80 16.85 -14.94
N VAL A 348 -8.95 16.00 -13.93
CA VAL A 348 -8.30 14.72 -13.97
C VAL A 348 -8.79 13.94 -15.21
N ALA A 349 -10.09 14.06 -15.45
CA ALA A 349 -10.68 13.39 -16.60
C ALA A 349 -10.13 13.92 -17.90
N GLN A 350 -9.90 15.21 -17.93
CA GLN A 350 -9.38 15.79 -19.15
C GLN A 350 -7.94 15.35 -19.35
N LEU A 351 -7.20 15.26 -18.25
CA LEU A 351 -5.84 14.87 -18.47
C LEU A 351 -5.70 13.47 -19.02
N TYR A 352 -6.73 12.64 -18.75
CA TYR A 352 -6.70 11.25 -19.22
C TYR A 352 -6.69 11.22 -20.75
N LYS A 353 -7.34 12.23 -21.31
CA LYS A 353 -7.36 12.35 -22.76
C LYS A 353 -6.08 12.97 -23.33
N ILE A 354 -5.26 13.58 -22.52
CA ILE A 354 -4.06 14.23 -23.03
C ILE A 354 -2.71 13.71 -22.63
N VAL A 355 -2.51 13.47 -21.32
CA VAL A 355 -1.24 13.02 -20.85
C VAL A 355 -0.64 11.80 -21.58
N PRO A 356 -1.44 10.74 -21.79
CA PRO A 356 -0.92 9.59 -22.45
C PRO A 356 -0.35 9.87 -23.80
N ASN A 357 -1.08 10.72 -24.50
CA ASN A 357 -0.68 11.12 -25.83
C ASN A 357 0.65 11.87 -25.79
N VAL A 358 0.74 12.78 -24.84
CA VAL A 358 1.99 13.50 -24.73
C VAL A 358 3.12 12.54 -24.40
N LEU A 359 2.89 11.65 -23.43
CA LEU A 359 3.95 10.68 -23.10
C LEU A 359 4.37 9.77 -24.26
N LEU A 360 3.40 9.42 -25.08
CA LEU A 360 3.71 8.58 -26.20
C LEU A 360 4.57 9.39 -27.17
N GLU A 361 4.18 10.64 -27.34
CA GLU A 361 4.88 11.53 -28.25
C GLU A 361 6.33 11.72 -27.82
N GLN A 362 6.49 11.86 -26.52
CA GLN A 362 7.84 12.00 -26.02
C GLN A 362 8.65 10.73 -26.29
N GLY A 363 7.99 9.59 -26.22
CA GLY A 363 8.71 8.35 -26.48
C GLY A 363 9.66 7.74 -25.42
N LYS A 364 9.54 8.16 -24.19
CA LYS A 364 10.41 7.57 -23.18
C LYS A 364 9.67 6.56 -22.25
N ALA A 365 8.46 6.96 -21.81
CA ALA A 365 7.76 6.07 -20.92
C ALA A 365 7.37 4.79 -21.58
N LYS A 366 7.52 3.64 -20.93
CA LYS A 366 7.07 2.40 -21.54
C LYS A 366 5.54 2.27 -21.40
N ASN A 367 4.96 2.77 -20.32
CA ASN A 367 3.56 2.68 -20.05
C ASN A 367 3.07 4.12 -19.99
N PRO A 368 2.32 4.63 -20.98
CA PRO A 368 1.87 6.06 -20.92
C PRO A 368 0.55 6.31 -20.15
N TRP A 369 -0.02 5.26 -19.58
CA TRP A 369 -1.28 5.24 -18.88
C TRP A 369 -1.22 5.62 -17.42
N PRO A 370 -2.40 5.98 -16.89
CA PRO A 370 -2.33 6.37 -15.50
C PRO A 370 -2.32 5.21 -14.51
N ASN A 371 -1.80 5.56 -13.32
CA ASN A 371 -1.69 4.61 -12.24
C ASN A 371 -2.63 5.12 -11.14
N VAL A 372 -2.84 4.34 -10.07
CA VAL A 372 -3.71 4.67 -8.98
C VAL A 372 -3.57 6.11 -8.43
N ASP A 373 -2.36 6.63 -8.38
CA ASP A 373 -2.11 7.91 -7.80
C ASP A 373 -2.68 9.08 -8.55
N ALA A 374 -2.94 8.85 -9.82
CA ALA A 374 -3.49 9.98 -10.53
C ALA A 374 -4.93 10.24 -10.13
N HIS A 375 -5.71 9.31 -9.51
CA HIS A 375 -7.11 9.55 -9.22
C HIS A 375 -7.54 9.61 -7.77
N SER A 376 -6.64 9.26 -6.87
CA SER A 376 -6.94 9.21 -5.45
C SER A 376 -7.19 10.51 -4.69
N GLY A 377 -6.28 11.44 -4.78
CA GLY A 377 -6.43 12.68 -4.04
C GLY A 377 -7.60 13.49 -4.42
N VAL A 378 -7.99 13.42 -5.66
CA VAL A 378 -9.11 14.17 -6.15
C VAL A 378 -10.36 13.80 -5.41
N LEU A 379 -10.51 12.52 -5.10
CA LEU A 379 -11.64 12.09 -4.37
C LEU A 379 -11.59 12.60 -2.94
N LEU A 380 -10.42 12.54 -2.32
CA LEU A 380 -10.23 12.97 -0.93
C LEU A 380 -10.53 14.47 -0.79
N GLN A 381 -9.97 15.28 -1.73
CA GLN A 381 -10.19 16.75 -1.76
C GLN A 381 -11.73 17.05 -1.74
N TYR A 382 -12.50 16.32 -2.54
CA TYR A 382 -13.93 16.57 -2.60
C TYR A 382 -14.68 16.55 -1.30
N TYR A 383 -14.26 15.66 -0.42
CA TYR A 383 -14.89 15.49 0.88
C TYR A 383 -14.34 16.41 1.94
N GLY A 384 -13.38 17.28 1.59
CA GLY A 384 -12.84 18.17 2.57
C GLY A 384 -11.44 17.88 3.11
N MET A 385 -10.85 16.76 2.72
CA MET A 385 -9.51 16.44 3.17
C MET A 385 -8.58 16.98 2.12
N THR A 386 -8.32 18.23 2.35
CA THR A 386 -7.53 18.99 1.41
C THR A 386 -6.07 19.03 1.80
N GLU A 387 -5.68 18.43 2.92
CA GLU A 387 -4.28 18.47 3.29
C GLU A 387 -3.50 17.45 2.45
N MET A 388 -2.99 17.87 1.28
CA MET A 388 -2.26 16.95 0.42
C MET A 388 -0.96 16.31 0.93
N ASN A 389 -0.26 16.89 1.90
CA ASN A 389 0.93 16.25 2.36
C ASN A 389 0.56 15.08 3.26
N TYR A 390 -0.71 14.86 3.52
CA TYR A 390 -1.03 13.76 4.38
C TYR A 390 -1.54 12.53 3.60
N TYR A 391 -1.83 12.65 2.31
CA TYR A 391 -2.40 11.55 1.53
C TYR A 391 -1.64 10.21 1.54
N THR A 392 -0.29 10.33 1.56
CA THR A 392 0.51 9.12 1.56
C THR A 392 0.33 8.26 2.81
N VAL A 393 -0.04 8.95 3.91
CA VAL A 393 -0.29 8.27 5.19
C VAL A 393 -1.45 7.32 5.00
N LEU A 394 -2.50 7.73 4.26
CA LEU A 394 -3.61 6.85 4.00
C LEU A 394 -3.19 5.62 3.24
N PHE A 395 -2.30 5.83 2.27
CA PHE A 395 -1.80 4.72 1.48
C PHE A 395 -1.03 3.78 2.41
N GLY A 396 -0.25 4.34 3.33
CA GLY A 396 0.53 3.49 4.21
C GLY A 396 -0.35 2.62 5.05
N VAL A 397 -1.42 3.23 5.59
CA VAL A 397 -2.38 2.52 6.43
C VAL A 397 -2.96 1.31 5.67
N SER A 398 -3.31 1.52 4.42
CA SER A 398 -3.85 0.43 3.61
C SER A 398 -2.83 -0.65 3.31
N ARG A 399 -1.61 -0.21 2.96
CA ARG A 399 -0.55 -1.12 2.57
C ARG A 399 -0.15 -2.09 3.66
N ALA A 400 -0.46 -1.71 4.91
CA ALA A 400 -0.15 -2.62 6.04
C ALA A 400 -0.87 -3.96 5.82
N LEU A 401 -2.11 -3.93 5.32
CA LEU A 401 -2.85 -5.16 5.15
C LEU A 401 -2.16 -6.19 4.29
N GLY A 402 -1.63 -5.75 3.16
CA GLY A 402 -0.97 -6.65 2.28
C GLY A 402 0.37 -7.10 2.75
N VAL A 403 1.20 -6.16 3.10
CA VAL A 403 2.51 -6.62 3.46
C VAL A 403 2.59 -7.47 4.70
N LEU A 404 1.72 -7.14 5.64
CA LEU A 404 1.66 -7.88 6.88
C LEU A 404 1.05 -9.26 6.69
N ALA A 405 0.08 -9.45 5.76
CA ALA A 405 -0.53 -10.73 5.48
C ALA A 405 0.59 -11.57 4.90
N GLN A 406 1.43 -11.03 4.01
CA GLN A 406 2.53 -11.86 3.47
C GLN A 406 3.64 -12.17 4.45
N LEU A 407 3.94 -11.22 5.31
CA LEU A 407 4.97 -11.40 6.32
C LEU A 407 4.68 -12.64 7.18
N ILE A 408 3.42 -12.85 7.53
CA ILE A 408 3.05 -14.04 8.31
C ILE A 408 3.46 -15.31 7.52
N TRP A 409 3.07 -15.36 6.24
CA TRP A 409 3.41 -16.47 5.38
C TRP A 409 4.89 -16.63 5.16
N SER A 410 5.65 -15.52 5.05
CA SER A 410 7.10 -15.67 4.83
C SER A 410 7.73 -16.47 5.97
N ARG A 411 7.35 -16.11 7.20
CA ARG A 411 7.91 -16.79 8.37
C ARG A 411 7.33 -18.17 8.48
N ALA A 412 6.02 -18.36 8.21
CA ALA A 412 5.46 -19.69 8.28
C ALA A 412 6.16 -20.69 7.33
N LEU A 413 6.49 -20.22 6.12
CA LEU A 413 7.14 -20.99 5.09
C LEU A 413 8.66 -21.11 5.22
N GLY A 414 9.22 -20.40 6.16
CA GLY A 414 10.63 -20.45 6.45
C GLY A 414 11.46 -19.83 5.38
N PHE A 415 11.01 -18.74 4.74
CA PHE A 415 11.83 -18.12 3.68
C PHE A 415 13.11 -17.62 4.32
N PRO A 416 14.27 -17.79 3.70
CA PRO A 416 15.48 -17.28 4.36
C PRO A 416 15.82 -15.84 4.05
N LEU A 417 16.97 -15.43 4.53
CA LEU A 417 17.50 -14.08 4.32
C LEU A 417 17.53 -13.79 2.83
N GLU A 418 17.07 -12.57 2.47
CA GLU A 418 17.11 -12.17 1.06
C GLU A 418 18.50 -11.57 0.90
N ARG A 419 19.34 -12.17 0.03
CA ARG A 419 20.70 -11.71 -0.13
C ARG A 419 21.26 -12.12 -1.47
N PRO A 420 21.00 -11.24 -2.46
CA PRO A 420 21.46 -11.46 -3.84
C PRO A 420 22.93 -11.06 -3.91
N LYS A 421 23.58 -11.39 -5.01
CA LYS A 421 24.98 -11.02 -5.20
C LYS A 421 25.03 -9.69 -5.96
N SER A 422 25.94 -8.81 -5.61
CA SER A 422 26.07 -7.55 -6.35
C SER A 422 27.35 -7.65 -7.17
N MET A 423 27.47 -6.69 -8.08
CA MET A 423 28.62 -6.57 -8.96
C MET A 423 28.98 -5.09 -9.20
N SER A 424 30.24 -4.85 -9.51
CA SER A 424 30.66 -3.51 -9.82
C SER A 424 30.65 -3.45 -11.36
N THR A 425 30.69 -2.23 -11.94
CA THR A 425 30.75 -2.12 -13.40
C THR A 425 32.02 -2.77 -13.92
N ALA A 426 33.14 -2.48 -13.23
CA ALA A 426 34.44 -3.03 -13.53
C ALA A 426 34.43 -4.55 -13.46
N GLY A 427 33.90 -5.12 -12.41
CA GLY A 427 33.86 -6.57 -12.33
C GLY A 427 32.99 -7.18 -13.43
N LEU A 428 31.84 -6.58 -13.69
CA LEU A 428 30.92 -7.04 -14.72
C LEU A 428 31.54 -6.95 -16.14
N GLU A 429 32.33 -5.88 -16.36
CA GLU A 429 32.96 -5.72 -17.66
C GLU A 429 33.87 -6.92 -17.84
N LYS A 430 34.70 -7.18 -16.80
CA LYS A 430 35.58 -8.31 -16.88
C LYS A 430 34.86 -9.65 -17.09
N LEU A 431 33.76 -9.87 -16.40
CA LEU A 431 33.00 -11.09 -16.56
C LEU A 431 32.64 -11.35 -18.04
N SER A 432 32.45 -10.26 -18.76
CA SER A 432 32.08 -10.39 -20.14
C SER A 432 33.19 -10.15 -21.14
N ALA A 433 33.98 -9.09 -20.94
CA ALA A 433 35.08 -8.62 -21.79
C ALA A 433 35.20 -7.09 -21.62
N GLY A 434 34.05 -6.44 -21.68
CA GLY A 434 33.99 -5.00 -21.51
C GLY A 434 33.29 -4.37 -22.68
N GLY A 435 33.20 -3.05 -22.71
CA GLY A 435 32.55 -2.40 -23.84
C GLY A 435 32.78 -0.92 -23.69
O1 OAA B . 3.43 -1.93 -8.29
O2 OAA B . 5.53 -1.15 -8.42
O4 OAA B . 2.89 -0.39 -5.01
O5 OAA B . 0.83 0.12 -5.46
O3 OAA B . 1.56 0.65 -8.02
C1 OAA B . 4.31 -1.09 -8.06
C2 OAA B . 3.86 0.19 -7.41
C3 OAA B . 2.38 0.34 -7.18
C4 OAA B . 2.02 -0.03 -5.78
N1A AMX C . 6.83 11.20 -16.50
C2A AMX C . 7.98 11.40 -17.11
N3A AMX C . 8.88 10.53 -17.54
C4A AMX C . 8.51 9.28 -17.32
C5A AMX C . 7.34 8.89 -16.68
C6A AMX C . 6.46 9.92 -16.27
N6A AMX C . 5.33 9.76 -15.64
N7A AMX C . 7.30 7.50 -16.61
C8A AMX C . 8.42 7.09 -17.22
N9A AMX C . 9.16 8.12 -17.70
C1B AMX C . 10.51 7.96 -18.24
C2B AMX C . 11.37 7.31 -17.16
O2B AMX C . 11.64 8.16 -16.07
C3B AMX C . 12.55 6.85 -18.02
O3B AMX C . 13.34 7.89 -18.52
P3B AMX C . 14.96 7.82 -18.36
O7A AMX C . 15.24 7.31 -16.99
O8A AMX C . 15.57 9.10 -18.78
O9A AMX C . 15.35 6.76 -19.34
C4B AMX C . 11.79 6.24 -19.18
O4B AMX C . 10.53 6.97 -19.22
C5B AMX C . 11.52 4.76 -19.06
O5B AMX C . 10.96 4.49 -17.77
P1A AMX C . 9.92 3.28 -17.66
O1A AMX C . 10.62 2.00 -18.05
O2A AMX C . 8.74 3.72 -18.42
O3A AMX C . 9.57 3.50 -16.13
P2A AMX C . 10.21 2.66 -14.90
O4A AMX C . 9.63 1.30 -14.86
O5A AMX C . 11.65 2.96 -14.64
O6A AMX C . 9.49 3.54 -13.73
CBP AMX C . 7.73 4.72 -12.66
CCP AMX C . 8.10 3.47 -13.43
CDP AMX C . 6.36 4.50 -11.96
CEP AMX C . 8.89 5.03 -11.70
CAP AMX C . 7.63 5.85 -13.71
OAP AMX C . 6.59 5.55 -14.63
C9P AMX C . 7.44 7.22 -13.07
O9P AMX C . 8.45 7.87 -12.74
N8P AMX C . 6.20 7.67 -12.90
C7P AMX C . 5.97 8.98 -12.26
C6P AMX C . 5.86 8.80 -10.74
C5P AMX C . 4.63 8.02 -10.27
O5P AMX C . 3.52 8.27 -10.74
N4P AMX C . 4.82 7.09 -9.32
C3P AMX C . 3.72 6.31 -8.76
C2P AMX C . 3.71 4.84 -9.20
C1 AMX C . 2.54 4.11 -8.48
C2 AMX C . 2.88 3.82 -7.01
O2 AMX C . 3.95 3.25 -6.76
N2 AMX C . 2.12 4.33 -6.06
#